data_7FYL
#
_entry.id   7FYL
#
_cell.length_a   32.616
_cell.length_b   53.956
_cell.length_c   75.287
_cell.angle_alpha   90.000
_cell.angle_beta   90.000
_cell.angle_gamma   90.000
#
_symmetry.space_group_name_H-M   'P 21 21 21'
#
loop_
_entity.id
_entity.type
_entity.pdbx_description
1 polymer 'Fatty acid-binding protein, adipocyte'
2 non-polymer '(2R)-6-[(4-chlorophenyl)sulfanyl]-2-[(4-methylphenyl)sulfanyl]hexanoic acid'
3 non-polymer '(2S)-6-[(4-chlorophenyl)sulfanyl]-2-[(4-methylphenyl)sulfanyl]hexanoic acid'
4 non-polymer 'SULFATE ION'
5 water water
#
_entity_poly.entity_id   1
_entity_poly.type   'polypeptide(L)'
_entity_poly.pdbx_seq_one_letter_code
;GSHMCDAFVGTWKLVSSENFDDYMKEVGVGFATRKVAGMAKPNMIISVNGDVITIKSESTFKNTEISFILGQEFDEVTAD
DRKVKSTITLDGGVLVHVQKWDGKSTTIKRKREDDKLVVECVMKGVTSTRVYERA
;
_entity_poly.pdbx_strand_id   A
#
# COMPACT_ATOMS: atom_id res chain seq x y z
N SER A 2 -19.79 3.55 14.39
CA SER A 2 -18.27 3.58 14.22
C SER A 2 -17.76 2.15 14.06
N HIS A 3 -16.57 2.02 13.53
CA HIS A 3 -16.20 0.75 13.08
C HIS A 3 -14.80 0.72 12.78
N MET A 4 -14.62 -0.36 11.96
CA MET A 4 -13.45 -1.24 11.82
C MET A 4 -12.22 -0.45 11.49
N CYS A 5 -12.36 0.42 10.53
CA CYS A 5 -11.18 1.10 10.14
C CYS A 5 -11.30 2.58 10.32
N ASP A 6 -12.06 3.08 11.27
CA ASP A 6 -12.30 4.54 11.33
C ASP A 6 -11.05 5.35 11.39
N ALA A 7 -10.05 4.87 12.13
CA ALA A 7 -8.80 5.63 12.33
C ALA A 7 -7.98 5.73 11.05
N PHE A 8 -8.23 4.88 10.05
CA PHE A 8 -7.55 4.96 8.76
C PHE A 8 -8.20 5.94 7.78
N VAL A 9 -9.50 6.26 7.96
CA VAL A 9 -10.26 7.05 7.01
CA VAL A 9 -10.18 6.99 6.90
C VAL A 9 -9.69 8.44 6.92
N GLY A 10 -9.55 8.96 5.71
CA GLY A 10 -9.16 10.33 5.47
C GLY A 10 -8.26 10.43 4.28
N THR A 11 -7.60 11.59 4.20
CA THR A 11 -6.70 11.95 3.11
C THR A 11 -5.34 12.13 3.72
N TRP A 12 -4.38 11.40 3.16
CA TRP A 12 -3.03 11.28 3.73
C TRP A 12 -1.98 11.63 2.68
N LYS A 13 -0.87 12.21 3.10
CA LYS A 13 0.21 12.58 2.16
CA LYS A 13 0.19 12.60 2.17
C LYS A 13 1.51 11.95 2.61
N LEU A 14 2.30 11.43 1.67
CA LEU A 14 3.59 10.81 1.97
C LEU A 14 4.56 11.86 2.49
N VAL A 15 5.17 11.59 3.65
CA VAL A 15 6.16 12.50 4.22
C VAL A 15 7.55 11.92 4.31
N SER A 16 7.71 10.59 4.33
CA SER A 16 9.06 10.01 4.33
C SER A 16 9.00 8.63 3.71
N SER A 17 10.15 8.21 3.19
CA SER A 17 10.32 6.87 2.65
C SER A 17 11.72 6.38 2.99
N GLU A 18 11.82 5.11 3.29
CA GLU A 18 13.10 4.47 3.50
C GLU A 18 13.16 3.13 2.79
N ASN A 19 14.27 2.91 2.06
CA ASN A 19 14.63 1.63 1.45
CA ASN A 19 14.55 1.62 1.43
C ASN A 19 13.64 1.25 0.31
N PHE A 20 12.87 2.20 -0.27
CA PHE A 20 11.90 1.83 -1.26
C PHE A 20 12.57 1.36 -2.55
N ASP A 21 13.73 1.93 -2.93
CA ASP A 21 14.37 1.43 -4.15
C ASP A 21 14.72 -0.07 -4.03
N ASP A 22 15.32 -0.45 -2.92
CA ASP A 22 15.71 -1.84 -2.71
C ASP A 22 14.48 -2.75 -2.67
N TYR A 23 13.40 -2.30 -2.06
CA TYR A 23 12.14 -3.07 -2.07
C TYR A 23 11.66 -3.26 -3.50
N MET A 24 11.60 -2.16 -4.28
CA MET A 24 11.19 -2.25 -5.68
C MET A 24 12.07 -3.21 -6.48
N LYS A 25 13.38 -3.18 -6.25
CA LYS A 25 14.28 -4.14 -6.93
C LYS A 25 13.88 -5.59 -6.59
N GLU A 26 13.57 -5.85 -5.32
CA GLU A 26 13.26 -7.17 -4.88
CA GLU A 26 13.21 -7.18 -4.91
C GLU A 26 11.94 -7.64 -5.55
N VAL A 27 10.99 -6.72 -5.71
CA VAL A 27 9.73 -7.02 -6.34
C VAL A 27 9.87 -7.31 -7.82
N GLY A 28 10.92 -6.77 -8.44
CA GLY A 28 11.18 -6.94 -9.86
C GLY A 28 10.90 -5.74 -10.73
N VAL A 29 10.71 -4.56 -10.14
CA VAL A 29 10.48 -3.32 -10.86
C VAL A 29 11.72 -2.94 -11.67
N GLY A 30 11.53 -2.59 -12.92
CA GLY A 30 12.61 -2.16 -13.80
C GLY A 30 13.12 -0.77 -13.48
N PHE A 31 14.26 -0.44 -14.10
CA PHE A 31 14.99 0.79 -13.79
C PHE A 31 14.13 2.04 -13.97
N ALA A 32 13.51 2.21 -15.14
CA ALA A 32 12.83 3.49 -15.41
C ALA A 32 11.66 3.69 -14.46
N THR A 33 10.88 2.64 -14.23
CA THR A 33 9.79 2.74 -13.27
C THR A 33 10.31 2.97 -11.88
N ARG A 34 11.39 2.35 -11.47
CA ARG A 34 11.90 2.64 -10.13
C ARG A 34 12.27 4.10 -9.96
N LYS A 35 12.93 4.68 -10.97
CA LYS A 35 13.37 6.05 -10.83
C LYS A 35 12.21 7.03 -10.74
N VAL A 36 11.24 6.86 -11.64
CA VAL A 36 10.11 7.78 -11.69
C VAL A 36 9.14 7.54 -10.52
N ALA A 37 8.85 6.28 -10.23
CA ALA A 37 7.94 5.98 -9.11
C ALA A 37 8.57 6.37 -7.78
N GLY A 38 9.90 6.21 -7.66
CA GLY A 38 10.56 6.59 -6.43
C GLY A 38 10.52 8.10 -6.12
N MET A 39 10.33 8.93 -7.15
CA MET A 39 10.17 10.38 -6.96
C MET A 39 8.81 10.78 -6.40
N ALA A 40 7.80 9.92 -6.57
CA ALA A 40 6.43 10.31 -6.33
C ALA A 40 6.18 10.54 -4.85
N LYS A 41 5.29 11.47 -4.58
CA LYS A 41 4.82 11.77 -3.20
C LYS A 41 3.31 11.57 -3.20
N PRO A 42 2.86 10.31 -3.14
CA PRO A 42 1.44 10.08 -3.33
C PRO A 42 0.57 10.62 -2.17
N ASN A 43 -0.67 10.92 -2.56
CA ASN A 43 -1.85 11.16 -1.68
CA ASN A 43 -1.73 11.04 -1.56
C ASN A 43 -2.59 9.81 -1.58
N MET A 44 -2.88 9.33 -0.40
CA MET A 44 -3.66 8.15 -0.21
C MET A 44 -4.99 8.57 0.44
N ILE A 45 -6.09 8.16 -0.17
CA ILE A 45 -7.44 8.55 0.28
C ILE A 45 -8.13 7.26 0.65
N ILE A 46 -8.53 7.11 1.92
CA ILE A 46 -9.14 5.89 2.45
C ILE A 46 -10.54 6.26 2.88
N SER A 47 -11.53 5.47 2.45
CA SER A 47 -12.89 5.64 2.84
C SER A 47 -13.58 4.29 3.04
N VAL A 48 -14.69 4.30 3.79
CA VAL A 48 -15.41 3.07 4.11
C VAL A 48 -16.89 3.36 3.87
N ASN A 49 -17.58 2.43 3.23
CA ASN A 49 -19.04 2.52 3.00
C ASN A 49 -19.59 1.11 3.23
N GLY A 50 -20.26 0.92 4.37
CA GLY A 50 -20.66 -0.43 4.75
C GLY A 50 -19.46 -1.32 4.96
N ASP A 51 -19.47 -2.48 4.32
CA ASP A 51 -18.33 -3.41 4.41
C ASP A 51 -17.25 -3.14 3.35
N VAL A 52 -17.44 -2.13 2.49
CA VAL A 52 -16.51 -1.93 1.40
C VAL A 52 -15.53 -0.81 1.77
N ILE A 53 -14.26 -1.15 1.75
CA ILE A 53 -13.18 -0.20 1.97
C ILE A 53 -12.63 0.20 0.63
N THR A 54 -12.38 1.48 0.40
CA THR A 54 -11.75 2.01 -0.83
C THR A 54 -10.45 2.73 -0.44
N ILE A 55 -9.37 2.35 -1.14
CA ILE A 55 -8.08 3.02 -1.00
C ILE A 55 -7.67 3.54 -2.36
N LYS A 56 -7.57 4.86 -2.48
CA LYS A 56 -7.08 5.51 -3.71
C LYS A 56 -5.67 6.02 -3.46
N SER A 57 -4.83 5.92 -4.48
CA SER A 57 -3.51 6.56 -4.44
CA SER A 57 -3.49 6.54 -4.47
C SER A 57 -3.40 7.47 -5.66
N GLU A 58 -3.18 8.75 -5.41
CA GLU A 58 -3.06 9.74 -6.45
C GLU A 58 -1.64 10.35 -6.43
N SER A 59 -0.99 10.34 -7.59
CA SER A 59 0.36 10.88 -7.70
C SER A 59 0.60 11.32 -9.12
N THR A 60 1.75 11.98 -9.34
CA THR A 60 2.14 12.37 -10.67
C THR A 60 2.43 11.15 -11.55
N PHE A 61 2.74 9.98 -10.97
CA PHE A 61 3.09 8.77 -11.72
C PHE A 61 1.89 8.00 -12.21
N LYS A 62 0.95 7.75 -11.31
CA LYS A 62 -0.21 6.93 -11.58
CA LYS A 62 -0.23 6.95 -11.60
C LYS A 62 -1.29 7.28 -10.55
N ASN A 63 -2.52 7.19 -10.99
CA ASN A 63 -3.63 7.17 -10.03
C ASN A 63 -4.21 5.75 -9.99
N THR A 64 -4.32 5.18 -8.80
CA THR A 64 -4.84 3.81 -8.64
C THR A 64 -5.99 3.87 -7.64
N GLU A 65 -6.85 2.86 -7.70
CA GLU A 65 -7.93 2.72 -6.73
C GLU A 65 -8.24 1.25 -6.58
N ILE A 66 -8.42 0.81 -5.33
CA ILE A 66 -8.95 -0.51 -5.02
C ILE A 66 -10.13 -0.36 -4.07
N SER A 67 -11.11 -1.22 -4.27
CA SER A 67 -12.23 -1.39 -3.31
C SER A 67 -12.34 -2.87 -3.00
N PHE A 68 -12.60 -3.20 -1.75
CA PHE A 68 -12.55 -4.56 -1.30
C PHE A 68 -13.30 -4.75 0.01
N ILE A 69 -13.60 -6.03 0.30
CA ILE A 69 -14.18 -6.49 1.54
C ILE A 69 -13.09 -7.30 2.26
N LEU A 70 -12.90 -7.08 3.56
CA LEU A 70 -11.88 -7.77 4.29
C LEU A 70 -12.03 -9.26 4.15
N GLY A 71 -10.92 -9.96 3.90
CA GLY A 71 -10.86 -11.41 3.74
C GLY A 71 -11.30 -11.95 2.39
N GLN A 72 -11.68 -11.13 1.45
CA GLN A 72 -12.26 -11.57 0.19
C GLN A 72 -11.31 -11.18 -0.97
N GLU A 73 -10.68 -12.16 -1.60
CA GLU A 73 -9.67 -11.92 -2.63
C GLU A 73 -10.23 -11.17 -3.82
N PHE A 74 -9.37 -10.37 -4.43
CA PHE A 74 -9.69 -9.55 -5.59
C PHE A 74 -8.50 -9.43 -6.54
N ASP A 75 -8.80 -9.05 -7.78
CA ASP A 75 -7.82 -8.64 -8.80
CA ASP A 75 -7.75 -8.85 -8.76
C ASP A 75 -7.36 -7.28 -8.65
N GLU A 76 -6.05 -7.04 -8.72
CA GLU A 76 -5.48 -5.72 -8.59
C GLU A 76 -4.41 -5.58 -9.68
N VAL A 77 -4.44 -4.47 -10.39
CA VAL A 77 -3.30 -4.04 -11.21
C VAL A 77 -2.56 -2.94 -10.39
N THR A 78 -1.31 -3.20 -10.04
CA THR A 78 -0.56 -2.31 -9.18
C THR A 78 -0.01 -1.10 -9.99
N ALA A 79 0.55 -0.14 -9.26
CA ALA A 79 1.07 1.09 -9.90
C ALA A 79 2.26 0.75 -10.82
N ASP A 80 3.01 -0.28 -10.47
CA ASP A 80 4.13 -0.77 -11.31
C ASP A 80 3.68 -1.83 -12.34
N ASP A 81 2.37 -1.95 -12.56
CA ASP A 81 1.77 -2.74 -13.65
C ASP A 81 1.90 -4.26 -13.48
N ARG A 82 1.95 -4.75 -12.25
CA ARG A 82 1.75 -6.17 -12.00
C ARG A 82 0.26 -6.47 -11.95
N LYS A 83 -0.11 -7.66 -12.39
CA LYS A 83 -1.49 -8.17 -12.29
C LYS A 83 -1.44 -9.21 -11.15
N VAL A 84 -2.00 -8.85 -9.99
CA VAL A 84 -1.83 -9.65 -8.79
C VAL A 84 -3.22 -10.04 -8.27
N LYS A 85 -3.20 -11.07 -7.43
CA LYS A 85 -4.38 -11.48 -6.63
CA LYS A 85 -4.37 -11.45 -6.63
C LYS A 85 -4.11 -11.02 -5.19
N SER A 86 -4.99 -10.15 -4.71
CA SER A 86 -4.80 -9.50 -3.40
C SER A 86 -5.85 -9.96 -2.39
N THR A 87 -5.44 -10.07 -1.13
CA THR A 87 -6.36 -10.28 -0.01
C THR A 87 -5.94 -9.34 1.08
N ILE A 88 -6.91 -8.58 1.65
CA ILE A 88 -6.63 -7.61 2.72
C ILE A 88 -7.47 -8.03 3.94
N THR A 89 -6.81 -8.14 5.08
CA THR A 89 -7.45 -8.52 6.32
C THR A 89 -7.04 -7.48 7.40
N LEU A 90 -7.77 -7.50 8.53
CA LEU A 90 -7.43 -6.70 9.68
CA LEU A 90 -7.38 -6.77 9.77
C LEU A 90 -6.89 -7.70 10.79
N ASP A 91 -5.69 -7.48 11.28
CA ASP A 91 -5.04 -8.36 12.24
C ASP A 91 -4.62 -7.49 13.39
N GLY A 92 -5.35 -7.54 14.49
CA GLY A 92 -4.95 -6.70 15.58
C GLY A 92 -4.79 -5.21 15.29
N GLY A 93 -5.76 -4.69 14.60
CA GLY A 93 -5.72 -3.25 14.22
C GLY A 93 -4.81 -2.82 13.06
N VAL A 94 -4.12 -3.77 12.45
CA VAL A 94 -3.26 -3.59 11.29
C VAL A 94 -3.95 -4.11 10.01
N LEU A 95 -3.98 -3.28 8.99
CA LEU A 95 -4.45 -3.75 7.69
C LEU A 95 -3.30 -4.50 7.02
N VAL A 96 -3.53 -5.75 6.69
CA VAL A 96 -2.49 -6.64 6.10
C VAL A 96 -2.92 -7.00 4.69
N HIS A 97 -2.13 -6.56 3.70
CA HIS A 97 -2.44 -6.65 2.25
C HIS A 97 -1.40 -7.58 1.62
N VAL A 98 -1.84 -8.78 1.20
CA VAL A 98 -0.97 -9.73 0.54
C VAL A 98 -1.27 -9.76 -0.94
N GLN A 99 -0.22 -9.62 -1.77
CA GLN A 99 -0.29 -9.67 -3.21
C GLN A 99 0.46 -10.88 -3.74
N LYS A 100 -0.22 -11.70 -4.53
CA LYS A 100 0.33 -12.91 -5.13
C LYS A 100 0.38 -12.76 -6.65
N TRP A 101 1.52 -13.11 -7.25
CA TRP A 101 1.64 -13.14 -8.70
C TRP A 101 2.88 -13.94 -9.09
N ASP A 102 2.77 -14.71 -10.15
CA ASP A 102 3.92 -15.47 -10.70
C ASP A 102 4.71 -16.28 -9.67
N GLY A 103 3.99 -16.91 -8.75
CA GLY A 103 4.60 -17.65 -7.66
C GLY A 103 5.32 -16.84 -6.60
N LYS A 104 5.20 -15.50 -6.66
CA LYS A 104 5.80 -14.58 -5.71
C LYS A 104 4.73 -14.01 -4.77
N SER A 105 5.21 -13.38 -3.71
CA SER A 105 4.31 -12.75 -2.73
C SER A 105 4.98 -11.54 -2.08
N THR A 106 4.21 -10.47 -1.87
CA THR A 106 4.65 -9.34 -1.08
C THR A 106 3.53 -9.01 -0.11
N THR A 107 3.91 -8.50 1.06
CA THR A 107 2.95 -8.10 2.11
C THR A 107 3.16 -6.64 2.48
N ILE A 108 2.06 -5.88 2.48
CA ILE A 108 2.03 -4.48 2.81
C ILE A 108 1.17 -4.35 4.06
N LYS A 109 1.74 -3.84 5.15
CA LYS A 109 1.03 -3.60 6.41
C LYS A 109 0.84 -2.11 6.60
N ARG A 110 -0.37 -1.71 7.02
CA ARG A 110 -0.72 -0.32 7.25
C ARG A 110 -1.25 -0.21 8.68
N LYS A 111 -0.68 0.70 9.47
CA LYS A 111 -1.11 0.85 10.88
C LYS A 111 -1.05 2.35 11.24
N ARG A 112 -1.87 2.72 12.22
CA ARG A 112 -1.80 4.04 12.81
C ARG A 112 -0.80 4.04 13.93
N GLU A 113 0.10 5.02 13.91
CA GLU A 113 1.08 5.21 14.99
CA GLU A 113 1.07 5.21 14.98
C GLU A 113 1.14 6.72 15.25
N ASP A 114 0.74 7.14 16.45
CA ASP A 114 0.60 8.59 16.74
C ASP A 114 -0.27 9.21 15.65
N ASP A 115 0.12 10.35 15.06
CA ASP A 115 -0.68 10.99 14.03
C ASP A 115 -0.31 10.52 12.64
N LYS A 116 0.46 9.47 12.52
CA LYS A 116 0.92 8.98 11.23
C LYS A 116 0.13 7.70 10.85
N LEU A 117 0.18 7.43 9.55
CA LEU A 117 -0.22 6.15 9.03
CA LEU A 117 -0.21 6.14 8.99
C LEU A 117 1.07 5.57 8.41
N VAL A 118 1.58 4.47 9.00
CA VAL A 118 2.81 3.86 8.64
C VAL A 118 2.54 2.65 7.73
N VAL A 119 3.24 2.63 6.61
CA VAL A 119 3.07 1.59 5.58
C VAL A 119 4.41 0.80 5.51
N GLU A 120 4.38 -0.47 5.83
CA GLU A 120 5.58 -1.34 5.81
C GLU A 120 5.40 -2.35 4.69
N CYS A 121 6.35 -2.35 3.74
CA CYS A 121 6.26 -3.17 2.53
C CYS A 121 7.39 -4.21 2.59
N VAL A 122 7.10 -5.51 2.53
CA VAL A 122 8.12 -6.53 2.67
C VAL A 122 8.09 -7.46 1.48
N MET A 123 9.26 -7.70 0.92
CA MET A 123 9.48 -8.63 -0.23
CA MET A 123 9.41 -8.82 0.04
C MET A 123 10.73 -9.45 0.17
N LYS A 124 10.48 -10.71 0.57
N LYS A 124 10.77 -10.79 0.04
CA LYS A 124 11.49 -11.58 1.09
CA LYS A 124 12.06 -11.53 0.12
C LYS A 124 12.17 -10.97 2.27
C LYS A 124 13.10 -10.93 1.10
N GLY A 125 13.50 -10.79 2.23
N GLY A 125 12.71 -10.64 2.33
CA GLY A 125 14.22 -10.14 3.35
CA GLY A 125 13.66 -10.17 3.37
C GLY A 125 14.22 -8.61 3.36
C GLY A 125 14.04 -8.68 3.40
N VAL A 126 13.54 -7.96 2.43
CA VAL A 126 13.70 -6.54 2.28
C VAL A 126 12.43 -5.78 2.68
N THR A 127 12.60 -4.81 3.58
CA THR A 127 11.50 -3.97 4.06
C THR A 127 11.71 -2.54 3.66
N SER A 128 10.62 -1.88 3.27
CA SER A 128 10.58 -0.45 3.10
C SER A 128 9.51 0.10 4.01
N THR A 129 9.79 1.27 4.60
CA THR A 129 8.87 1.95 5.47
C THR A 129 8.53 3.33 4.88
N ARG A 130 7.23 3.55 4.68
CA ARG A 130 6.66 4.75 4.03
C ARG A 130 5.70 5.39 5.05
N VAL A 131 5.94 6.64 5.41
CA VAL A 131 5.18 7.31 6.45
C VAL A 131 4.31 8.35 5.83
N TYR A 132 3.03 8.35 6.17
CA TYR A 132 2.02 9.32 5.72
C TYR A 132 1.51 10.11 6.91
N GLU A 133 1.16 11.37 6.68
CA GLU A 133 0.49 12.23 7.66
C GLU A 133 -0.76 12.80 7.05
N ARG A 134 -1.66 13.31 7.87
CA ARG A 134 -2.93 13.85 7.33
C ARG A 134 -2.63 15.01 6.42
N ALA A 135 -3.36 15.06 5.32
CA ALA A 135 -3.25 16.13 4.35
C ALA A 135 -3.89 17.42 4.86
#